data_3BRH
#
_entry.id   3BRH
#
_cell.length_a   60.850
_cell.length_b   48.510
_cell.length_c   119.970
_cell.angle_alpha   90.00
_cell.angle_beta   103.49
_cell.angle_gamma   90.00
#
_symmetry.space_group_name_H-M   'P 1 21 1'
#
loop_
_entity.id
_entity.type
_entity.pdbx_description
1 polymer 'Tyrosine-protein phosphatase non-receptor type 22'
2 polymer 'Lck Active Site Peptide'
3 non-polymer 'PHOSPHATE ION'
4 water water
#
loop_
_entity_poly.entity_id
_entity_poly.type
_entity_poly.pdbx_seq_one_letter_code
_entity_poly.pdbx_strand_id
1 'polypeptide(L)'
;MDQREILQKFLDEAQSKKITKEEFANEFLKLKRQSTKYKADKTYPTTVAEKPKNIKKNRYKDILPYDYSRVELSLITSDE
DSSYINANFIKGVYGPKAYIATQGPLSTTLLDFWRMIWEYSVLIIVMACMEYEMGKKKCERYWAEPGEMQLEFGPFSVSC
EAEKRKSDYIIRTLKVKFNSETRTIYQFHYKNWPAHDVPSSIDPILELIWDVRCYQEDDSVPICIHSSAGCGRTGVICAI
DYTWMLLKDGIIPENFSVFSLIREMRTQRPSLVQTQEQYELVYNAVLELFKRQMDVIRDKHSGTESQAKH
;
A,B
2 'polypeptide(L)' DNEYTAR C,D
#
# COMPACT_ATOMS: atom_id res chain seq x y z
N GLN A 3 1.19 -15.10 -44.18
CA GLN A 3 1.17 -14.21 -42.96
C GLN A 3 1.54 -12.80 -43.29
N ARG A 4 2.64 -12.56 -44.02
CA ARG A 4 3.06 -11.19 -44.31
C ARG A 4 1.92 -10.45 -45.04
N GLU A 5 1.26 -11.18 -45.94
CA GLU A 5 0.16 -10.63 -46.70
C GLU A 5 -1.18 -10.54 -45.92
N ILE A 6 -1.53 -11.54 -45.09
CA ILE A 6 -2.65 -11.44 -44.10
C ILE A 6 -2.64 -10.14 -43.24
N LEU A 7 -1.48 -9.79 -42.68
CA LEU A 7 -1.25 -8.60 -41.87
C LEU A 7 -1.35 -7.26 -42.54
N GLN A 8 -0.78 -7.17 -43.73
CA GLN A 8 -0.76 -5.90 -44.46
C GLN A 8 -2.16 -5.58 -45.06
N LYS A 9 -2.92 -6.62 -45.41
CA LYS A 9 -4.36 -6.55 -45.71
C LYS A 9 -5.14 -5.98 -44.50
N PHE A 10 -5.08 -6.68 -43.34
CA PHE A 10 -5.60 -6.23 -42.02
C PHE A 10 -5.29 -4.74 -41.79
N LEU A 11 -4.02 -4.40 -41.80
CA LEU A 11 -3.51 -3.02 -41.75
C LEU A 11 -4.04 -1.99 -42.77
N ASP A 12 -4.16 -2.38 -44.04
CA ASP A 12 -4.63 -1.51 -45.12
C ASP A 12 -6.12 -1.31 -44.97
N GLU A 13 -6.88 -2.32 -44.56
CA GLU A 13 -8.32 -2.11 -44.33
C GLU A 13 -8.53 -1.12 -43.20
N ALA A 14 -7.95 -1.38 -42.04
CA ALA A 14 -7.98 -0.45 -40.92
C ALA A 14 -7.62 0.96 -41.36
N GLN A 15 -6.59 1.13 -42.17
CA GLN A 15 -6.25 2.47 -42.74
C GLN A 15 -7.32 3.00 -43.68
N SER A 16 -7.90 2.10 -44.47
CA SER A 16 -8.96 2.37 -45.48
C SER A 16 -10.32 2.76 -44.94
N LYS A 17 -10.68 2.25 -43.77
CA LYS A 17 -11.95 2.54 -43.12
C LYS A 17 -11.70 2.67 -41.60
N LYS A 18 -11.75 3.92 -41.12
CA LYS A 18 -11.58 4.23 -39.69
C LYS A 18 -12.89 3.85 -38.99
N ILE A 19 -12.75 3.31 -37.77
CA ILE A 19 -13.90 2.89 -36.98
C ILE A 19 -14.27 4.06 -36.12
N THR A 20 -15.56 4.36 -36.06
CA THR A 20 -16.01 5.52 -35.33
C THR A 20 -16.55 5.06 -33.95
N LYS A 21 -16.64 6.00 -33.06
CA LYS A 21 -17.16 5.77 -31.78
C LYS A 21 -18.54 5.19 -31.81
N GLU A 22 -19.39 5.68 -32.68
CA GLU A 22 -20.76 5.21 -32.85
C GLU A 22 -20.68 3.78 -33.33
N GLU A 23 -19.73 3.46 -34.22
CA GLU A 23 -19.45 2.07 -34.66
C GLU A 23 -19.07 1.08 -33.56
N PHE A 24 -18.03 1.41 -32.80
CA PHE A 24 -17.64 0.69 -31.63
C PHE A 24 -18.77 0.57 -30.62
N ALA A 25 -19.60 1.58 -30.40
CA ALA A 25 -20.72 1.42 -29.48
C ALA A 25 -21.72 0.42 -30.09
N ASN A 26 -21.90 0.40 -31.40
CA ASN A 26 -22.85 -0.55 -32.00
C ASN A 26 -22.36 -1.96 -31.87
N GLU A 27 -21.10 -2.12 -32.23
CA GLU A 27 -20.23 -3.28 -31.97
C GLU A 27 -20.29 -3.86 -30.54
N PHE A 28 -19.89 -3.08 -29.55
CA PHE A 28 -20.06 -3.50 -28.13
C PHE A 28 -21.46 -3.92 -27.62
N LEU A 29 -22.53 -3.23 -28.08
CA LEU A 29 -23.93 -3.59 -27.81
C LEU A 29 -24.31 -5.03 -28.21
N LYS A 30 -23.90 -5.44 -29.40
CA LYS A 30 -23.94 -6.84 -29.78
C LYS A 30 -23.40 -7.82 -28.71
N LEU A 31 -22.25 -7.50 -28.12
CA LEU A 31 -21.62 -8.30 -27.11
C LEU A 31 -22.50 -8.31 -25.84
N LYS A 32 -23.07 -7.17 -25.41
CA LYS A 32 -23.91 -7.07 -24.24
C LYS A 32 -25.19 -7.83 -24.48
N ARG A 33 -25.79 -7.69 -25.67
CA ARG A 33 -26.87 -8.55 -26.11
C ARG A 33 -26.59 -10.01 -26.01
N GLN A 34 -25.44 -10.51 -26.47
CA GLN A 34 -25.23 -11.97 -26.36
C GLN A 34 -25.25 -12.49 -24.91
N SER A 35 -24.63 -11.75 -23.98
CA SER A 35 -24.51 -12.26 -22.60
C SER A 35 -25.89 -12.28 -21.94
N THR A 36 -26.73 -11.29 -22.25
CA THR A 36 -28.13 -11.16 -21.87
C THR A 36 -28.97 -12.28 -22.46
N LYS A 37 -28.83 -12.58 -23.75
CA LYS A 37 -29.35 -13.85 -24.29
C LYS A 37 -28.81 -15.16 -23.63
N TYR A 38 -27.64 -15.15 -23.00
CA TYR A 38 -27.20 -16.29 -22.22
C TYR A 38 -27.92 -16.41 -20.87
N LYS A 39 -28.23 -15.32 -20.17
CA LYS A 39 -29.13 -15.43 -19.00
C LYS A 39 -30.50 -16.00 -19.45
N ALA A 40 -31.27 -15.26 -20.25
CA ALA A 40 -32.54 -15.76 -20.76
C ALA A 40 -32.54 -17.28 -20.96
N ASP A 41 -31.60 -17.76 -21.79
CA ASP A 41 -31.62 -19.14 -22.28
C ASP A 41 -31.09 -20.18 -21.28
N LYS A 42 -30.56 -19.68 -20.17
CA LYS A 42 -29.76 -20.45 -19.19
C LYS A 42 -28.64 -21.26 -19.85
N THR A 43 -27.99 -20.70 -20.88
CA THR A 43 -26.95 -21.38 -21.69
C THR A 43 -25.80 -21.81 -20.80
N TYR A 44 -25.49 -20.94 -19.84
CA TYR A 44 -24.32 -21.19 -19.00
C TYR A 44 -24.71 -20.97 -17.55
N PRO A 45 -25.36 -21.95 -16.91
CA PRO A 45 -25.72 -21.71 -15.51
C PRO A 45 -24.55 -21.32 -14.59
N THR A 46 -24.84 -20.45 -13.64
CA THR A 46 -23.99 -19.93 -12.56
C THR A 46 -24.49 -20.39 -11.16
N THR A 47 -24.96 -21.62 -11.11
CA THR A 47 -25.60 -22.24 -9.94
C THR A 47 -24.70 -22.38 -8.68
N VAL A 48 -23.45 -22.75 -8.86
CA VAL A 48 -22.52 -22.92 -7.74
C VAL A 48 -22.32 -21.56 -7.03
N ALA A 49 -22.10 -20.50 -7.82
CA ALA A 49 -21.82 -19.13 -7.38
C ALA A 49 -23.02 -18.60 -6.61
N GLU A 50 -24.20 -19.06 -7.03
CA GLU A 50 -25.49 -18.69 -6.47
C GLU A 50 -25.85 -19.40 -5.15
N LYS A 51 -25.21 -20.53 -4.84
CA LYS A 51 -25.39 -21.11 -3.50
C LYS A 51 -25.26 -20.08 -2.38
N PRO A 52 -26.22 -20.04 -1.42
CA PRO A 52 -26.03 -19.25 -0.15
C PRO A 52 -24.68 -19.46 0.59
N LYS A 53 -24.06 -20.63 0.48
CA LYS A 53 -22.71 -20.83 1.02
C LYS A 53 -21.61 -20.12 0.25
N ASN A 54 -21.89 -19.73 -0.99
CA ASN A 54 -20.96 -19.04 -1.88
C ASN A 54 -21.27 -17.62 -2.22
N ILE A 55 -22.51 -17.17 -2.02
CA ILE A 55 -22.96 -15.89 -2.61
C ILE A 55 -22.17 -14.64 -2.11
N LYS A 56 -21.64 -14.67 -0.88
CA LYS A 56 -20.88 -13.51 -0.36
C LYS A 56 -19.36 -13.59 -0.69
N LYS A 57 -18.93 -14.65 -1.36
CA LYS A 57 -17.57 -14.73 -1.85
C LYS A 57 -17.31 -13.97 -3.16
N ASN A 58 -18.38 -13.39 -3.71
CA ASN A 58 -18.42 -12.63 -4.96
C ASN A 58 -18.45 -11.20 -4.55
N ARG A 59 -17.53 -10.44 -5.12
CA ARG A 59 -17.31 -9.02 -4.88
C ARG A 59 -18.47 -8.23 -5.53
N TYR A 60 -18.95 -8.65 -6.69
CA TYR A 60 -20.09 -8.05 -7.34
C TYR A 60 -21.16 -9.08 -7.65
N LYS A 61 -22.36 -8.71 -7.25
CA LYS A 61 -23.48 -9.63 -7.25
C LYS A 61 -23.98 -10.07 -8.65
N ASP A 62 -23.84 -9.24 -9.67
CA ASP A 62 -24.19 -9.60 -11.05
C ASP A 62 -23.03 -10.29 -11.82
N ILE A 63 -21.85 -10.40 -11.21
CA ILE A 63 -20.63 -10.96 -11.79
C ILE A 63 -20.37 -12.35 -11.22
N LEU A 64 -21.03 -13.32 -11.84
CA LEU A 64 -21.11 -14.67 -11.30
C LEU A 64 -20.46 -15.62 -12.31
N PRO A 65 -19.39 -16.36 -11.92
CA PRO A 65 -18.65 -17.21 -12.84
C PRO A 65 -19.53 -18.32 -13.45
N TYR A 66 -19.46 -18.57 -14.75
CA TYR A 66 -20.09 -19.81 -15.21
C TYR A 66 -19.55 -21.09 -14.53
N ASP A 67 -20.45 -22.01 -14.23
CA ASP A 67 -20.13 -23.33 -13.71
C ASP A 67 -19.11 -24.09 -14.56
N TYR A 68 -19.44 -24.22 -15.83
CA TYR A 68 -18.70 -25.22 -16.59
C TYR A 68 -17.26 -24.78 -16.76
N SER A 69 -16.96 -23.49 -16.51
CA SER A 69 -15.62 -22.97 -16.75
C SER A 69 -14.85 -22.46 -15.51
N ARG A 70 -15.56 -22.62 -14.41
CA ARG A 70 -15.11 -22.20 -13.11
C ARG A 70 -13.86 -22.96 -12.68
N VAL A 71 -13.03 -22.20 -11.96
CA VAL A 71 -11.89 -22.75 -11.36
C VAL A 71 -12.27 -23.39 -10.02
N GLU A 72 -12.22 -24.71 -10.01
CA GLU A 72 -12.54 -25.48 -8.81
C GLU A 72 -11.33 -25.67 -7.88
N LEU A 73 -11.56 -25.58 -6.57
CA LEU A 73 -10.51 -25.81 -5.56
C LEU A 73 -10.58 -27.12 -4.79
N SER A 74 -9.43 -27.74 -4.59
CA SER A 74 -9.43 -29.02 -3.96
C SER A 74 -8.26 -29.20 -2.98
N LEU A 75 -7.33 -28.24 -2.99
CA LEU A 75 -6.22 -28.22 -2.06
C LEU A 75 -6.81 -27.90 -0.68
N ILE A 76 -6.66 -28.82 0.26
CA ILE A 76 -7.26 -28.55 1.57
C ILE A 76 -6.23 -28.17 2.65
N THR A 77 -6.55 -27.07 3.31
CA THR A 77 -5.72 -26.48 4.36
C THR A 77 -6.37 -26.32 5.71
N SER A 78 -7.70 -26.51 5.76
CA SER A 78 -8.53 -26.59 7.00
C SER A 78 -9.85 -27.21 6.64
N ASP A 79 -10.57 -27.66 7.67
CA ASP A 79 -12.00 -28.01 7.66
C ASP A 79 -12.92 -26.98 7.01
N GLU A 80 -12.55 -25.70 6.92
CA GLU A 80 -13.40 -24.62 6.39
C GLU A 80 -13.16 -24.35 4.90
N ASP A 81 -12.11 -24.99 4.39
CA ASP A 81 -11.78 -24.95 2.98
C ASP A 81 -12.85 -25.53 2.09
N SER A 82 -13.31 -24.69 1.18
CA SER A 82 -14.34 -25.13 0.27
C SER A 82 -13.87 -24.97 -1.17
N SER A 83 -14.67 -25.34 -2.16
CA SER A 83 -14.15 -25.57 -3.51
C SER A 83 -14.43 -24.35 -4.42
N TYR A 84 -15.19 -23.38 -3.95
CA TYR A 84 -15.59 -22.22 -4.70
C TYR A 84 -14.69 -20.99 -4.66
N ILE A 85 -14.35 -20.47 -5.82
CA ILE A 85 -13.74 -19.12 -5.96
C ILE A 85 -14.38 -18.37 -7.15
N ASN A 86 -14.46 -17.05 -7.10
CA ASN A 86 -14.91 -16.32 -8.30
C ASN A 86 -13.79 -16.16 -9.40
N ALA A 87 -13.70 -17.13 -10.31
CA ALA A 87 -12.62 -17.37 -11.26
C ALA A 87 -13.11 -18.36 -12.35
N ASN A 88 -12.64 -18.03 -13.55
CA ASN A 88 -12.84 -18.86 -14.73
C ASN A 88 -11.55 -19.07 -15.47
N PHE A 89 -11.38 -20.30 -15.95
CA PHE A 89 -10.38 -20.53 -16.97
C PHE A 89 -10.84 -19.88 -18.28
N ILE A 90 -9.84 -19.37 -18.98
CA ILE A 90 -10.00 -18.94 -20.37
C ILE A 90 -8.97 -19.72 -21.23
N LYS A 91 -9.49 -20.27 -22.31
CA LYS A 91 -8.73 -20.98 -23.32
C LYS A 91 -7.73 -20.07 -24.00
N GLY A 92 -6.54 -20.65 -24.16
CA GLY A 92 -5.50 -20.02 -24.95
C GLY A 92 -5.53 -20.53 -26.38
N VAL A 93 -4.52 -20.11 -27.15
CA VAL A 93 -4.43 -20.39 -28.59
C VAL A 93 -4.37 -21.90 -28.84
N TYR A 94 -3.67 -22.58 -27.93
CA TYR A 94 -3.27 -23.97 -28.03
C TYR A 94 -3.96 -24.98 -27.12
N GLY A 95 -4.76 -24.53 -26.16
CA GLY A 95 -5.35 -25.48 -25.20
C GLY A 95 -6.20 -24.80 -24.12
N PRO A 96 -6.85 -25.57 -23.22
CA PRO A 96 -7.64 -24.86 -22.22
C PRO A 96 -6.79 -24.43 -21.03
N LYS A 97 -7.37 -23.63 -20.16
CA LYS A 97 -6.57 -23.19 -19.00
C LYS A 97 -5.29 -22.37 -19.22
N ALA A 98 -5.19 -21.61 -20.32
CA ALA A 98 -4.11 -20.63 -20.46
C ALA A 98 -4.09 -19.46 -19.45
N TYR A 99 -5.29 -18.93 -19.19
CA TYR A 99 -5.60 -17.80 -18.28
C TYR A 99 -6.59 -18.19 -17.21
N ILE A 100 -6.27 -17.78 -15.99
CA ILE A 100 -7.24 -17.68 -14.91
C ILE A 100 -7.68 -16.20 -14.78
N ALA A 101 -8.98 -15.94 -15.00
CA ALA A 101 -9.58 -14.61 -14.82
C ALA A 101 -10.38 -14.60 -13.50
N THR A 102 -9.93 -13.81 -12.55
CA THR A 102 -10.57 -13.76 -11.24
C THR A 102 -10.74 -12.31 -10.84
N GLN A 103 -11.46 -12.11 -9.75
CA GLN A 103 -11.78 -10.84 -9.16
C GLN A 103 -10.64 -10.48 -8.18
N GLY A 104 -10.63 -9.26 -7.68
CA GLY A 104 -9.72 -8.96 -6.57
C GLY A 104 -10.26 -9.65 -5.30
N PRO A 105 -9.36 -10.36 -4.59
CA PRO A 105 -9.83 -10.99 -3.35
C PRO A 105 -10.44 -10.06 -2.28
N LEU A 106 -11.44 -10.61 -1.62
CA LEU A 106 -12.06 -10.03 -0.47
C LEU A 106 -11.26 -10.50 0.77
N SER A 107 -11.41 -9.92 1.96
CA SER A 107 -10.76 -10.50 3.16
C SER A 107 -10.94 -12.00 3.42
N THR A 108 -12.16 -12.51 3.19
CA THR A 108 -12.54 -13.92 3.40
C THR A 108 -12.08 -14.82 2.28
N THR A 109 -11.61 -14.26 1.16
CA THR A 109 -11.04 -15.08 0.05
C THR A 109 -9.56 -14.93 -0.33
N LEU A 110 -8.83 -14.20 0.51
CA LEU A 110 -7.40 -14.15 0.41
C LEU A 110 -6.74 -15.53 0.38
N LEU A 111 -7.19 -16.37 1.29
CA LEU A 111 -6.73 -17.78 1.43
C LEU A 111 -7.15 -18.62 0.25
N ASP A 112 -8.42 -18.59 -0.17
CA ASP A 112 -8.83 -19.16 -1.47
C ASP A 112 -7.89 -18.81 -2.64
N PHE A 113 -7.56 -17.53 -2.72
CA PHE A 113 -6.73 -16.97 -3.76
C PHE A 113 -5.39 -17.69 -3.80
N TRP A 114 -4.71 -17.75 -2.66
CA TRP A 114 -3.43 -18.44 -2.56
C TRP A 114 -3.54 -19.94 -2.81
N ARG A 115 -4.59 -20.57 -2.30
CA ARG A 115 -4.93 -21.97 -2.64
C ARG A 115 -4.95 -22.34 -4.14
N MET A 116 -5.66 -21.50 -4.88
CA MET A 116 -5.78 -21.48 -6.33
C MET A 116 -4.42 -21.32 -6.99
N ILE A 117 -3.71 -20.25 -6.65
CA ILE A 117 -2.37 -20.01 -7.15
C ILE A 117 -1.50 -21.28 -7.00
N TRP A 118 -1.40 -21.77 -5.75
CA TRP A 118 -0.65 -22.96 -5.39
C TRP A 118 -1.12 -24.26 -6.09
N GLU A 119 -2.41 -24.47 -6.10
CA GLU A 119 -2.97 -25.62 -6.76
C GLU A 119 -2.60 -25.75 -8.23
N TYR A 120 -2.68 -24.66 -8.98
CA TYR A 120 -2.52 -24.63 -10.41
C TYR A 120 -1.13 -24.28 -10.91
N SER A 121 -0.22 -24.19 -9.96
CA SER A 121 1.22 -23.95 -10.11
C SER A 121 1.44 -22.66 -10.87
N VAL A 122 0.56 -21.69 -10.63
CA VAL A 122 0.69 -20.41 -11.26
C VAL A 122 2.06 -19.81 -10.89
N LEU A 123 2.78 -19.30 -11.89
CA LEU A 123 3.97 -18.46 -11.76
C LEU A 123 3.70 -16.98 -11.86
N ILE A 124 2.74 -16.56 -12.71
CA ILE A 124 2.50 -15.17 -13.13
C ILE A 124 1.09 -14.67 -12.72
N ILE A 125 1.11 -13.51 -12.09
CA ILE A 125 -0.07 -12.81 -11.56
C ILE A 125 0.02 -11.43 -12.11
N VAL A 126 -1.04 -11.13 -12.85
CA VAL A 126 -1.30 -9.80 -13.41
C VAL A 126 -2.44 -9.10 -12.72
N MET A 127 -2.10 -8.06 -11.97
CA MET A 127 -3.01 -7.14 -11.28
C MET A 127 -3.24 -5.87 -12.07
N ALA A 128 -4.38 -5.80 -12.76
CA ALA A 128 -4.78 -4.70 -13.59
C ALA A 128 -5.79 -3.94 -12.70
N CYS A 129 -5.32 -3.27 -11.64
CA CYS A 129 -6.16 -2.80 -10.55
C CYS A 129 -5.36 -2.04 -9.43
N MET A 130 -6.04 -1.14 -8.72
CA MET A 130 -5.56 -0.42 -7.57
C MET A 130 -6.34 -0.89 -6.34
N GLU A 131 -5.71 -0.83 -5.17
CA GLU A 131 -6.42 -1.07 -3.91
C GLU A 131 -7.64 -0.14 -3.74
N TYR A 132 -7.50 1.14 -4.04
CA TYR A 132 -8.63 2.06 -3.94
C TYR A 132 -8.73 2.72 -5.29
N GLU A 133 -9.98 2.99 -5.64
CA GLU A 133 -10.45 3.52 -6.92
C GLU A 133 -11.78 4.20 -6.70
N MET A 134 -11.92 5.50 -7.01
CA MET A 134 -13.14 6.32 -6.77
C MET A 134 -13.65 6.25 -5.34
N GLY A 135 -12.75 6.27 -4.36
CA GLY A 135 -13.27 6.17 -3.02
C GLY A 135 -13.39 4.75 -2.47
N LYS A 136 -13.57 3.76 -3.35
CA LYS A 136 -13.91 2.40 -2.91
C LYS A 136 -12.73 1.43 -2.88
N LYS A 137 -12.74 0.55 -1.88
CA LYS A 137 -11.79 -0.57 -1.84
C LYS A 137 -12.11 -1.53 -3.01
N LYS A 138 -11.13 -1.79 -3.87
CA LYS A 138 -11.28 -2.63 -5.09
C LYS A 138 -10.63 -4.05 -5.07
N CYS A 139 -9.78 -4.24 -4.07
CA CYS A 139 -8.97 -5.41 -3.92
C CYS A 139 -8.22 -5.33 -2.61
N GLU A 140 -8.19 -6.43 -1.85
CA GLU A 140 -7.38 -6.61 -0.65
C GLU A 140 -6.00 -7.11 -1.00
N ARG A 141 -5.11 -6.70 -0.09
CA ARG A 141 -3.69 -7.07 -0.08
C ARG A 141 -3.46 -8.59 0.19
N TYR A 142 -2.92 -9.27 -0.82
CA TYR A 142 -2.61 -10.68 -0.84
C TYR A 142 -1.10 -10.87 -1.10
N TRP A 143 -0.48 -9.80 -1.53
CA TRP A 143 0.96 -9.69 -1.81
C TRP A 143 1.68 -9.15 -0.57
N ALA A 144 3.00 -9.26 -0.61
CA ALA A 144 3.90 -8.65 0.36
C ALA A 144 4.77 -7.60 -0.36
N GLU A 145 5.19 -6.59 0.41
CA GLU A 145 6.21 -5.62 -0.03
C GLU A 145 7.63 -5.76 0.65
N PRO A 146 8.70 -5.19 0.06
CA PRO A 146 10.02 -5.20 0.71
C PRO A 146 10.07 -4.58 2.12
N GLY A 147 10.87 -5.16 3.01
CA GLY A 147 10.81 -4.73 4.42
C GLY A 147 9.75 -5.40 5.30
N GLU A 148 8.66 -5.90 4.73
CA GLU A 148 7.46 -6.34 5.47
C GLU A 148 7.53 -7.73 6.06
N MET A 149 8.54 -8.46 5.57
CA MET A 149 8.75 -9.91 5.82
C MET A 149 7.65 -10.78 5.19
N GLN A 150 7.24 -11.81 5.93
CA GLN A 150 6.18 -12.73 5.49
C GLN A 150 4.78 -12.47 6.02
N LEU A 151 3.85 -12.11 5.14
CA LEU A 151 2.43 -12.08 5.44
C LEU A 151 1.90 -13.50 5.37
N GLU A 152 0.85 -13.78 6.10
CA GLU A 152 0.41 -15.15 6.39
C GLU A 152 -1.00 -15.32 5.86
N PHE A 153 -1.23 -16.27 4.98
CA PHE A 153 -2.60 -16.47 4.56
C PHE A 153 -3.00 -17.92 4.88
N GLY A 154 -3.67 -18.24 5.98
CA GLY A 154 -3.74 -19.67 6.32
C GLY A 154 -2.32 -20.23 6.46
N PRO A 155 -2.00 -21.38 5.79
CA PRO A 155 -0.64 -21.99 5.78
C PRO A 155 0.36 -21.37 4.77
N PHE A 156 -0.03 -20.37 3.96
CA PHE A 156 0.84 -19.75 2.95
C PHE A 156 1.61 -18.58 3.54
N SER A 157 2.94 -18.54 3.32
CA SER A 157 3.72 -17.40 3.78
CA SER A 157 3.77 -17.43 3.80
C SER A 157 4.38 -16.65 2.61
N VAL A 158 4.09 -15.35 2.52
CA VAL A 158 4.32 -14.57 1.32
C VAL A 158 5.26 -13.42 1.68
N SER A 159 6.46 -13.46 1.12
CA SER A 159 7.41 -12.36 1.22
C SER A 159 7.80 -11.80 -0.16
N CYS A 160 8.44 -10.64 -0.16
CA CYS A 160 8.90 -10.01 -1.37
C CYS A 160 10.42 -9.70 -1.39
N GLU A 161 11.16 -10.42 -2.25
CA GLU A 161 12.60 -10.21 -2.52
C GLU A 161 12.88 -8.83 -3.16
N ALA A 162 12.21 -8.60 -4.28
CA ALA A 162 12.56 -7.51 -5.17
C ALA A 162 11.29 -6.95 -5.77
N GLU A 163 11.23 -5.63 -5.84
CA GLU A 163 10.23 -4.89 -6.53
C GLU A 163 10.91 -4.16 -7.68
N LYS A 164 10.65 -4.56 -8.93
CA LYS A 164 11.13 -3.75 -10.09
C LYS A 164 10.09 -2.70 -10.49
N ARG A 165 10.44 -1.42 -10.35
CA ARG A 165 9.44 -0.40 -10.59
C ARG A 165 9.80 0.02 -11.98
N LYS A 166 8.85 -0.10 -12.90
CA LYS A 166 9.09 0.14 -14.32
C LYS A 166 8.23 1.37 -14.46
N SER A 167 8.14 1.85 -15.68
CA SER A 167 7.55 3.16 -15.91
C SER A 167 6.07 3.23 -15.48
N ASP A 168 5.30 2.15 -15.72
CA ASP A 168 3.84 2.20 -15.56
C ASP A 168 3.20 1.05 -14.76
N TYR A 169 4.01 0.09 -14.36
CA TYR A 169 3.59 -1.02 -13.53
C TYR A 169 4.84 -1.40 -12.76
N ILE A 170 4.62 -2.22 -11.72
CA ILE A 170 5.64 -2.86 -10.90
C ILE A 170 5.69 -4.40 -11.05
N ILE A 171 6.88 -4.96 -11.22
CA ILE A 171 7.18 -6.37 -11.07
C ILE A 171 7.74 -6.67 -9.68
N ARG A 172 6.93 -7.38 -8.90
CA ARG A 172 7.24 -7.81 -7.56
C ARG A 172 7.60 -9.25 -7.67
N THR A 173 8.74 -9.64 -7.11
CA THR A 173 9.18 -11.05 -7.03
C THR A 173 8.76 -11.55 -5.67
N LEU A 174 7.70 -12.34 -5.64
CA LEU A 174 7.15 -12.96 -4.45
C LEU A 174 7.73 -14.36 -4.15
N LYS A 175 7.96 -14.63 -2.87
CA LYS A 175 8.36 -15.92 -2.31
C LYS A 175 7.22 -16.40 -1.39
N VAL A 176 6.69 -17.56 -1.74
CA VAL A 176 5.49 -18.21 -1.20
C VAL A 176 5.88 -19.63 -0.73
N LYS A 177 5.92 -19.74 0.60
CA LYS A 177 6.21 -20.95 1.34
C LYS A 177 4.90 -21.63 1.74
N PHE A 178 4.80 -22.89 1.39
CA PHE A 178 3.60 -23.64 1.73
C PHE A 178 4.14 -24.92 2.27
N ASN A 179 3.59 -25.17 3.46
CA ASN A 179 4.18 -25.97 4.52
C ASN A 179 5.73 -26.04 4.37
N SER A 180 6.27 -26.99 3.59
CA SER A 180 7.73 -27.05 3.47
C SER A 180 8.41 -26.47 2.20
N GLU A 181 7.65 -26.27 1.11
CA GLU A 181 8.17 -25.92 -0.23
C GLU A 181 8.11 -24.42 -0.54
N THR A 182 9.10 -23.87 -1.25
CA THR A 182 9.03 -22.46 -1.61
C THR A 182 8.93 -22.24 -3.11
N ARG A 183 7.92 -21.47 -3.55
CA ARG A 183 7.87 -20.97 -4.92
C ARG A 183 8.11 -19.47 -5.14
N THR A 184 8.40 -19.13 -6.40
CA THR A 184 8.57 -17.74 -6.84
C THR A 184 7.39 -17.46 -7.76
N ILE A 185 6.65 -16.39 -7.48
CA ILE A 185 5.59 -15.85 -8.35
C ILE A 185 5.97 -14.42 -8.66
N TYR A 186 5.89 -14.07 -9.95
CA TYR A 186 6.02 -12.73 -10.47
C TYR A 186 4.62 -12.08 -10.55
N GLN A 187 4.49 -11.07 -9.68
CA GLN A 187 3.31 -10.25 -9.70
C GLN A 187 3.61 -8.98 -10.44
N PHE A 188 2.86 -8.84 -11.53
CA PHE A 188 2.87 -7.65 -12.36
C PHE A 188 1.72 -6.72 -11.98
N HIS A 189 2.04 -5.57 -11.39
CA HIS A 189 1.02 -4.68 -10.85
C HIS A 189 0.93 -3.34 -11.61
N TYR A 190 -0.13 -3.18 -12.41
CA TYR A 190 -0.39 -2.03 -13.24
C TYR A 190 -1.37 -1.06 -12.56
N LYS A 191 -0.88 0.13 -12.20
CA LYS A 191 -1.69 1.14 -11.55
C LYS A 191 -2.01 2.27 -12.53
N ASN A 192 -2.86 3.21 -12.12
CA ASN A 192 -3.38 4.29 -12.93
C ASN A 192 -4.24 3.93 -14.13
N TRP A 193 -4.79 2.74 -14.04
CA TRP A 193 -5.77 2.22 -14.98
C TRP A 193 -6.99 1.67 -14.16
N PRO A 194 -7.94 2.57 -13.93
CA PRO A 194 -9.19 2.27 -13.27
C PRO A 194 -10.18 1.42 -14.05
N ALA A 195 -11.08 0.83 -13.30
CA ALA A 195 -12.23 0.15 -13.82
C ALA A 195 -13.09 1.07 -14.63
N HIS A 196 -13.60 0.58 -15.72
CA HIS A 196 -14.31 1.36 -16.66
N ASP A 197 -12.46 3.54 -17.14
N ASP A 197 -12.25 3.08 -17.31
CA ASP A 197 -11.57 4.27 -18.01
CA ASP A 197 -11.59 4.17 -17.98
C ASP A 197 -10.60 3.38 -18.78
C ASP A 197 -10.11 3.90 -18.28
N VAL A 198 -9.71 4.03 -19.54
CA VAL A 198 -8.55 3.37 -20.20
C VAL A 198 -7.23 4.14 -20.08
N PRO A 199 -6.05 3.50 -20.20
CA PRO A 199 -4.73 4.17 -20.41
C PRO A 199 -4.91 5.32 -21.44
N SER A 200 -4.02 6.19 -21.94
CA SER A 200 -2.85 5.90 -22.79
CA SER A 200 -2.85 5.84 -22.77
C SER A 200 -1.39 5.64 -22.33
N SER A 201 -0.53 5.38 -23.32
CA SER A 201 -0.90 4.98 -24.67
C SER A 201 -1.40 3.53 -24.56
N ILE A 202 -1.37 2.79 -25.66
CA ILE A 202 -1.49 1.35 -25.59
C ILE A 202 -0.13 0.79 -25.14
N ASP A 203 0.89 1.63 -25.10
CA ASP A 203 2.27 1.18 -25.03
C ASP A 203 2.69 0.49 -23.71
N PRO A 204 2.35 1.04 -22.52
CA PRO A 204 2.67 0.33 -21.26
C PRO A 204 2.12 -1.11 -21.15
N ILE A 205 0.87 -1.31 -21.53
CA ILE A 205 0.17 -2.56 -21.67
C ILE A 205 0.83 -3.61 -22.54
N LEU A 206 1.31 -3.22 -23.73
CA LEU A 206 2.17 -4.06 -24.55
C LEU A 206 3.53 -4.33 -23.92
N GLU A 207 4.18 -3.36 -23.28
CA GLU A 207 5.45 -3.61 -22.52
C GLU A 207 5.17 -4.65 -21.40
N LEU A 208 4.04 -4.48 -20.70
CA LEU A 208 3.66 -5.40 -19.63
C LEU A 208 3.51 -6.82 -20.16
N ILE A 209 2.81 -7.00 -21.28
CA ILE A 209 2.57 -8.33 -21.82
C ILE A 209 3.88 -8.85 -22.39
N TRP A 210 4.72 -7.96 -22.93
CA TRP A 210 6.00 -8.33 -23.50
C TRP A 210 6.79 -8.96 -22.35
N ASP A 211 6.71 -8.29 -21.18
CA ASP A 211 7.50 -8.65 -19.98
C ASP A 211 7.06 -9.94 -19.40
N VAL A 212 5.76 -10.11 -19.35
CA VAL A 212 5.13 -11.30 -18.81
C VAL A 212 5.57 -12.53 -19.60
N ARG A 213 5.62 -12.33 -20.92
CA ARG A 213 5.86 -13.44 -21.82
C ARG A 213 7.35 -13.84 -21.83
N CYS A 214 8.19 -12.90 -21.41
CA CYS A 214 9.59 -13.18 -21.09
C CYS A 214 9.82 -14.20 -19.98
N TYR A 215 9.00 -14.14 -18.94
CA TYR A 215 8.94 -15.07 -17.82
C TYR A 215 8.31 -16.46 -18.13
N GLN A 216 7.22 -16.46 -18.88
CA GLN A 216 6.50 -17.64 -19.38
C GLN A 216 6.09 -17.42 -20.83
N GLU A 217 6.72 -18.15 -21.76
CA GLU A 217 6.44 -17.96 -23.17
C GLU A 217 5.32 -18.88 -23.61
N ASP A 218 5.10 -19.96 -22.86
CA ASP A 218 4.03 -20.94 -23.15
C ASP A 218 2.76 -21.04 -22.21
N ASP A 219 1.95 -22.11 -22.39
CA ASP A 219 0.75 -22.45 -21.64
C ASP A 219 0.87 -23.62 -20.67
N SER A 220 2.10 -23.92 -20.28
CA SER A 220 2.43 -25.02 -19.38
C SER A 220 1.56 -24.94 -18.12
N VAL A 221 1.43 -23.73 -17.61
CA VAL A 221 0.63 -23.44 -16.41
C VAL A 221 -0.24 -22.22 -16.73
N PRO A 222 -1.45 -22.12 -16.13
CA PRO A 222 -2.22 -20.89 -16.25
C PRO A 222 -1.44 -19.62 -15.78
N ILE A 223 -1.66 -18.52 -16.48
CA ILE A 223 -1.30 -17.19 -16.01
C ILE A 223 -2.60 -16.60 -15.40
N CYS A 224 -2.41 -16.03 -14.20
CA CYS A 224 -3.47 -15.41 -13.46
C CYS A 224 -3.57 -13.90 -13.69
N ILE A 225 -4.76 -13.54 -14.22
CA ILE A 225 -5.14 -12.17 -14.58
C ILE A 225 -6.34 -11.73 -13.72
N HIS A 226 -6.21 -10.61 -13.03
CA HIS A 226 -7.29 -10.10 -12.16
C HIS A 226 -7.28 -8.58 -12.17
N SER A 227 -8.48 -8.08 -11.96
CA SER A 227 -8.76 -6.69 -11.81
C SER A 227 -9.58 -6.60 -10.50
N SER A 228 -10.54 -5.71 -10.35
CA SER A 228 -11.48 -5.74 -9.21
C SER A 228 -12.52 -6.86 -9.42
N ALA A 229 -13.23 -6.76 -10.53
CA ALA A 229 -14.23 -7.70 -11.03
C ALA A 229 -13.71 -8.94 -11.74
N GLY A 230 -12.56 -8.86 -12.42
CA GLY A 230 -12.06 -10.01 -13.19
C GLY A 230 -12.67 -10.11 -14.59
N CYS A 231 -13.20 -9.00 -15.12
CA CYS A 231 -13.90 -9.04 -16.40
C CYS A 231 -13.31 -8.02 -17.37
N GLY A 232 -13.35 -6.77 -16.93
CA GLY A 232 -13.05 -5.59 -17.76
C GLY A 232 -11.64 -5.49 -18.30
N ARG A 233 -10.78 -4.98 -17.45
CA ARG A 233 -9.34 -4.88 -17.60
C ARG A 233 -8.66 -6.24 -17.81
N THR A 234 -9.07 -7.21 -17.03
CA THR A 234 -8.88 -8.62 -17.29
C THR A 234 -9.11 -9.08 -18.75
N GLY A 235 -10.29 -8.81 -19.29
CA GLY A 235 -10.66 -9.15 -20.65
C GLY A 235 -9.65 -8.57 -21.61
N VAL A 236 -9.30 -7.29 -21.42
CA VAL A 236 -8.47 -6.51 -22.31
C VAL A 236 -7.12 -7.14 -22.54
N ILE A 237 -6.50 -7.48 -21.42
CA ILE A 237 -5.28 -8.23 -21.33
C ILE A 237 -5.35 -9.61 -21.96
N CYS A 238 -6.33 -10.47 -21.61
CA CYS A 238 -6.41 -11.78 -22.29
C CYS A 238 -6.60 -11.67 -23.79
N ALA A 239 -7.52 -10.82 -24.26
CA ALA A 239 -7.74 -10.60 -25.71
C ALA A 239 -6.41 -10.15 -26.42
N ILE A 240 -5.73 -9.15 -25.84
CA ILE A 240 -4.44 -8.69 -26.36
C ILE A 240 -3.30 -9.71 -26.33
N ASP A 241 -3.00 -10.30 -25.20
CA ASP A 241 -2.13 -11.45 -25.16
C ASP A 241 -2.38 -12.66 -26.13
N TYR A 242 -3.62 -13.10 -26.22
CA TYR A 242 -4.05 -14.14 -27.15
C TYR A 242 -3.81 -13.80 -28.63
N THR A 243 -4.23 -12.60 -29.02
CA THR A 243 -3.93 -12.03 -30.34
C THR A 243 -2.41 -11.97 -30.66
N TRP A 244 -1.59 -11.47 -29.75
CA TRP A 244 -0.14 -11.46 -29.85
C TRP A 244 0.49 -12.86 -30.02
N MET A 245 -0.08 -13.87 -29.38
CA MET A 245 0.37 -15.24 -29.56
CA MET A 245 0.38 -15.23 -29.57
C MET A 245 0.14 -15.74 -30.99
N LEU A 246 -1.05 -15.52 -31.51
CA LEU A 246 -1.40 -15.80 -32.90
C LEU A 246 -0.42 -15.10 -33.87
N LEU A 247 -0.14 -13.81 -33.64
CA LEU A 247 0.87 -13.06 -34.43
C LEU A 247 2.30 -13.62 -34.42
N LYS A 248 2.79 -13.98 -33.23
CA LYS A 248 4.16 -14.25 -32.94
C LYS A 248 4.43 -15.62 -33.50
N ASP A 249 3.39 -16.42 -33.65
CA ASP A 249 3.58 -17.78 -34.09
C ASP A 249 3.11 -17.89 -35.52
N GLY A 250 2.69 -16.75 -36.06
CA GLY A 250 2.36 -16.55 -37.44
C GLY A 250 1.14 -17.35 -37.84
N ILE A 251 0.15 -17.53 -36.95
CA ILE A 251 -1.13 -18.22 -37.25
C ILE A 251 -2.45 -17.41 -37.11
N ILE A 252 -2.39 -16.11 -37.41
CA ILE A 252 -3.55 -15.23 -37.53
C ILE A 252 -4.41 -15.63 -38.73
N PRO A 253 -5.67 -16.02 -38.49
CA PRO A 253 -6.38 -16.48 -39.68
C PRO A 253 -6.74 -15.37 -40.62
N GLU A 254 -7.23 -15.77 -41.78
CA GLU A 254 -7.62 -14.84 -42.83
C GLU A 254 -8.91 -14.15 -42.41
N ASN A 255 -9.74 -14.87 -41.65
CA ASN A 255 -10.99 -14.27 -41.24
C ASN A 255 -10.91 -13.45 -39.92
N PHE A 256 -9.69 -13.19 -39.43
CA PHE A 256 -9.45 -12.51 -38.14
C PHE A 256 -10.38 -11.37 -37.71
N SER A 257 -10.87 -11.51 -36.47
CA SER A 257 -11.77 -10.53 -35.93
C SER A 257 -11.64 -10.44 -34.40
N VAL A 258 -11.24 -9.25 -33.98
CA VAL A 258 -11.37 -8.75 -32.61
C VAL A 258 -12.76 -8.99 -31.99
N PHE A 259 -13.83 -8.64 -32.68
CA PHE A 259 -15.17 -9.05 -32.29
C PHE A 259 -15.29 -10.51 -31.86
N SER A 260 -14.79 -11.40 -32.72
CA SER A 260 -15.02 -12.86 -32.60
C SER A 260 -14.27 -13.46 -31.45
N LEU A 261 -13.02 -13.02 -31.31
CA LEU A 261 -12.17 -13.35 -30.19
C LEU A 261 -12.90 -12.99 -28.91
N ILE A 262 -13.24 -11.70 -28.77
CA ILE A 262 -13.92 -11.27 -27.55
C ILE A 262 -15.24 -11.98 -27.26
N ARG A 263 -16.02 -12.27 -28.31
CA ARG A 263 -17.28 -13.01 -28.24
C ARG A 263 -17.04 -14.40 -27.64
N GLU A 264 -15.95 -15.04 -28.10
CA GLU A 264 -15.51 -16.36 -27.68
C GLU A 264 -15.03 -16.35 -26.21
N MET A 265 -14.11 -15.48 -25.86
CA MET A 265 -13.79 -15.20 -24.45
C MET A 265 -14.98 -14.95 -23.54
N ARG A 266 -16.05 -14.32 -23.99
CA ARG A 266 -17.21 -13.96 -23.21
C ARG A 266 -18.13 -15.15 -22.90
N THR A 267 -17.99 -16.25 -23.64
CA THR A 267 -18.77 -17.45 -23.32
C THR A 267 -18.07 -18.20 -22.17
N GLN A 268 -16.86 -17.79 -21.78
CA GLN A 268 -16.04 -18.47 -20.77
C GLN A 268 -15.94 -17.83 -19.35
N ARG A 269 -15.89 -16.51 -19.34
CA ARG A 269 -15.94 -15.72 -18.11
C ARG A 269 -16.95 -14.64 -18.49
N PRO A 270 -18.03 -14.43 -17.70
CA PRO A 270 -18.99 -13.34 -17.96
C PRO A 270 -18.44 -11.91 -18.11
N SER A 271 -19.00 -11.13 -19.08
CA SER A 271 -18.75 -9.70 -19.10
C SER A 271 -17.30 -9.29 -19.41
N LEU A 272 -16.56 -10.17 -20.08
CA LEU A 272 -15.15 -9.90 -20.37
C LEU A 272 -15.04 -8.72 -21.31
N VAL A 273 -14.20 -7.74 -20.95
CA VAL A 273 -14.18 -6.41 -21.58
C VAL A 273 -15.57 -5.78 -21.28
N GLN A 274 -15.60 -4.80 -20.40
CA GLN A 274 -16.87 -4.34 -19.86
C GLN A 274 -17.35 -3.04 -20.50
N THR A 275 -16.51 -2.36 -21.29
CA THR A 275 -16.88 -1.08 -21.88
C THR A 275 -16.48 -1.08 -23.37
N GLN A 276 -17.26 -0.37 -24.18
CA GLN A 276 -16.86 0.03 -25.52
C GLN A 276 -15.48 0.74 -25.58
N GLU A 277 -15.16 1.59 -24.59
CA GLU A 277 -13.80 2.12 -24.56
C GLU A 277 -12.72 1.07 -24.43
N GLN A 278 -12.88 0.06 -23.58
CA GLN A 278 -11.98 -1.11 -23.43
C GLN A 278 -11.91 -1.96 -24.71
N TYR A 279 -13.05 -2.08 -25.37
CA TYR A 279 -13.17 -2.72 -26.67
C TYR A 279 -12.29 -2.05 -27.75
N GLU A 280 -12.41 -0.73 -27.87
CA GLU A 280 -11.53 0.14 -28.67
C GLU A 280 -10.04 0.00 -28.37
N LEU A 281 -9.65 0.15 -27.10
CA LEU A 281 -8.33 -0.21 -26.57
C LEU A 281 -7.78 -1.58 -27.04
N VAL A 282 -8.54 -2.66 -26.97
CA VAL A 282 -8.09 -3.95 -27.53
C VAL A 282 -7.88 -3.82 -29.06
N TYR A 283 -8.82 -3.21 -29.78
CA TYR A 283 -8.65 -2.93 -31.21
C TYR A 283 -7.34 -2.18 -31.62
N ASN A 284 -7.12 -1.04 -30.99
CA ASN A 284 -5.97 -0.16 -31.20
C ASN A 284 -4.68 -0.85 -30.82
N ALA A 285 -4.73 -1.56 -29.68
CA ALA A 285 -3.61 -2.48 -29.27
C ALA A 285 -3.22 -3.60 -30.27
N VAL A 286 -4.27 -4.29 -30.74
CA VAL A 286 -4.15 -5.30 -31.79
C VAL A 286 -3.61 -4.71 -33.11
N LEU A 287 -4.08 -3.55 -33.52
CA LEU A 287 -3.59 -2.88 -34.71
C LEU A 287 -2.13 -2.44 -34.54
N GLU A 288 -1.74 -2.06 -33.34
CA GLU A 288 -0.34 -1.79 -33.05
C GLU A 288 0.59 -3.04 -33.09
N LEU A 289 0.09 -4.18 -32.60
CA LEU A 289 0.79 -5.45 -32.66
C LEU A 289 1.06 -5.99 -34.05
N PHE A 290 0.09 -5.78 -34.95
CA PHE A 290 0.15 -6.17 -36.35
C PHE A 290 1.30 -5.34 -36.99
N LYS A 291 1.25 -4.02 -36.76
CA LYS A 291 2.27 -3.07 -37.15
C LYS A 291 3.65 -3.62 -36.75
N ARG A 292 3.82 -3.94 -35.47
CA ARG A 292 5.10 -4.40 -34.92
C ARG A 292 5.42 -5.79 -35.49
N GLN A 293 4.42 -6.53 -35.95
CA GLN A 293 4.75 -7.84 -36.47
C GLN A 293 5.24 -7.72 -37.92
N MET A 294 4.73 -6.73 -38.66
CA MET A 294 5.20 -6.47 -40.03
C MET A 294 6.70 -6.21 -39.96
N ASP A 295 7.12 -5.41 -38.98
CA ASP A 295 8.54 -5.20 -38.66
C ASP A 295 9.41 -6.44 -38.49
N VAL A 296 8.91 -7.41 -37.72
CA VAL A 296 9.53 -8.68 -37.40
C VAL A 296 9.72 -9.48 -38.68
N ILE A 297 8.74 -9.42 -39.58
CA ILE A 297 8.89 -9.87 -40.98
C ILE A 297 10.02 -9.12 -41.74
N ARG A 298 10.00 -7.78 -41.79
CA ARG A 298 10.99 -6.99 -42.54
C ARG A 298 12.32 -6.90 -41.79
N MET B 1 29.12 30.10 29.64
CA MET B 1 29.68 29.63 28.35
C MET B 1 28.82 30.09 27.19
N ASP B 2 29.45 30.43 26.08
CA ASP B 2 28.67 30.62 24.83
C ASP B 2 28.47 29.26 24.15
N GLN B 3 27.64 29.20 23.11
CA GLN B 3 27.30 28.00 22.35
C GLN B 3 28.47 27.19 21.82
N ARG B 4 29.43 27.85 21.16
CA ARG B 4 30.61 27.12 20.67
C ARG B 4 31.32 26.27 21.71
N GLU B 5 31.65 26.93 22.82
CA GLU B 5 32.14 26.31 24.08
C GLU B 5 31.24 25.24 24.65
N ILE B 6 29.92 25.42 24.63
CA ILE B 6 29.03 24.35 25.07
C ILE B 6 29.10 23.15 24.10
N LEU B 7 29.05 23.43 22.80
CA LEU B 7 29.17 22.37 21.77
C LEU B 7 30.50 21.61 21.73
N GLN B 8 31.62 22.33 21.81
CA GLN B 8 32.97 21.75 21.87
C GLN B 8 33.06 20.77 23.05
N LYS B 9 32.75 21.32 24.23
CA LYS B 9 32.74 20.55 25.47
C LYS B 9 32.02 19.19 25.34
N PHE B 10 30.77 19.22 24.89
CA PHE B 10 29.99 18.03 24.51
C PHE B 10 30.73 17.09 23.50
N LEU B 11 31.26 17.69 22.45
CA LEU B 11 32.09 17.00 21.45
C LEU B 11 33.38 16.43 22.04
N ASP B 12 34.12 17.25 22.82
CA ASP B 12 35.35 16.76 23.48
C ASP B 12 35.02 15.64 24.42
N GLU B 13 33.97 15.76 25.25
CA GLU B 13 33.47 14.70 26.14
C GLU B 13 33.11 13.45 25.33
N ALA B 14 32.43 13.63 24.19
CA ALA B 14 31.99 12.46 23.44
C ALA B 14 33.20 11.67 22.95
N GLN B 15 34.22 12.37 22.44
CA GLN B 15 35.46 11.81 21.89
C GLN B 15 36.37 11.06 22.86
N SER B 16 36.65 11.68 23.99
CA SER B 16 37.61 11.15 24.97
C SER B 16 36.98 10.03 25.78
N LYS B 17 35.65 10.11 25.88
CA LYS B 17 34.99 8.97 26.51
C LYS B 17 33.88 8.35 25.66
N LYS B 18 34.14 7.29 24.90
CA LYS B 18 33.13 6.54 24.15
C LYS B 18 32.13 5.78 25.06
N ILE B 19 30.87 5.63 24.62
CA ILE B 19 29.82 5.02 25.47
C ILE B 19 29.67 3.58 24.99
N THR B 20 29.67 2.62 25.91
CA THR B 20 29.67 1.21 25.54
C THR B 20 28.24 0.69 25.69
N LYS B 21 28.01 -0.48 25.09
CA LYS B 21 26.72 -1.16 25.06
CA LYS B 21 26.66 -1.01 25.05
C LYS B 21 26.13 -1.31 26.45
N GLU B 22 27.03 -1.63 27.39
CA GLU B 22 26.60 -1.93 28.72
C GLU B 22 26.20 -0.66 29.41
N GLU B 23 26.95 0.42 29.15
CA GLU B 23 26.59 1.79 29.56
C GLU B 23 25.23 2.30 29.03
N PHE B 24 25.05 2.22 27.70
CA PHE B 24 23.70 2.40 27.14
C PHE B 24 22.60 1.59 27.82
N ALA B 25 22.89 0.32 28.08
CA ALA B 25 21.94 -0.53 28.80
C ALA B 25 21.62 -0.03 30.21
N ASN B 26 22.61 0.49 30.93
CA ASN B 26 22.51 0.92 32.34
C ASN B 26 21.62 2.17 32.34
N GLU B 27 21.88 3.03 31.33
CA GLU B 27 21.18 4.31 31.18
C GLU B 27 19.73 4.11 30.85
N PHE B 28 19.48 3.25 29.87
CA PHE B 28 18.14 2.95 29.47
C PHE B 28 17.31 2.30 30.59
N LEU B 29 17.93 1.44 31.36
CA LEU B 29 17.37 0.86 32.58
C LEU B 29 16.87 1.89 33.60
N LYS B 30 17.59 2.99 33.77
CA LYS B 30 17.12 4.06 34.66
C LYS B 30 15.86 4.77 34.16
N LEU B 31 15.70 4.85 32.84
CA LEU B 31 14.52 5.44 32.21
C LEU B 31 13.29 4.55 32.52
N LYS B 32 13.43 3.24 32.39
CA LYS B 32 12.40 2.24 32.66
C LYS B 32 12.04 2.26 34.16
N ARG B 33 13.02 2.33 35.07
CA ARG B 33 12.75 2.57 36.51
C ARG B 33 11.88 3.80 36.78
N GLN B 34 12.19 4.87 36.06
CA GLN B 34 11.53 6.10 36.31
C GLN B 34 10.06 5.95 35.95
N SER B 35 9.77 5.29 34.83
CA SER B 35 8.37 5.01 34.44
C SER B 35 7.61 4.12 35.41
N THR B 36 8.25 3.09 35.96
CA THR B 36 7.74 2.20 37.01
C THR B 36 7.41 3.04 38.25
N LYS B 37 8.31 3.94 38.63
CA LYS B 37 8.05 4.85 39.75
C LYS B 37 6.83 5.72 39.42
N TYR B 38 6.64 6.15 38.16
CA TYR B 38 5.35 6.77 37.74
C TYR B 38 4.05 5.94 37.93
N LYS B 39 3.88 4.74 37.36
CA LYS B 39 2.67 3.98 37.71
C LYS B 39 2.38 3.95 39.22
N ALA B 40 3.36 3.52 40.02
CA ALA B 40 3.27 3.49 41.50
C ALA B 40 2.84 4.79 42.24
N ASP B 41 3.39 5.94 41.84
CA ASP B 41 2.99 7.17 42.43
C ASP B 41 1.72 7.70 41.83
N LYS B 42 1.15 7.00 40.84
CA LYS B 42 0.02 7.49 40.04
C LYS B 42 0.19 8.92 39.51
N THR B 43 1.41 9.21 39.07
CA THR B 43 1.77 10.59 38.74
C THR B 43 1.06 11.03 37.48
N TYR B 44 0.82 10.11 36.53
CA TYR B 44 0.26 10.42 35.22
C TYR B 44 -0.86 9.48 34.85
N PRO B 45 -2.06 9.68 35.47
CA PRO B 45 -3.20 8.79 35.17
C PRO B 45 -3.59 8.76 33.68
N THR B 46 -4.08 7.60 33.28
CA THR B 46 -4.67 7.22 31.98
C THR B 46 -6.14 6.83 32.09
N THR B 47 -6.93 7.53 32.90
CA THR B 47 -8.36 7.22 33.13
C THR B 47 -9.29 7.23 31.89
N VAL B 48 -8.99 8.13 30.96
CA VAL B 48 -9.93 8.33 29.86
C VAL B 48 -9.72 7.19 28.82
N ALA B 49 -8.45 6.83 28.67
CA ALA B 49 -7.96 5.74 27.82
C ALA B 49 -8.47 4.34 28.23
N GLU B 50 -8.62 4.14 29.56
CA GLU B 50 -9.22 2.98 30.26
C GLU B 50 -10.76 2.84 30.22
N LYS B 51 -11.46 3.92 29.88
CA LYS B 51 -12.92 3.97 29.76
C LYS B 51 -13.36 2.90 28.75
N PRO B 52 -14.41 2.15 29.09
CA PRO B 52 -14.69 0.98 28.26
C PRO B 52 -15.12 1.30 26.81
N LYS B 53 -15.58 2.53 26.57
CA LYS B 53 -15.82 2.96 25.19
C LYS B 53 -14.53 3.29 24.40
N ASN B 54 -13.40 3.36 25.09
CA ASN B 54 -12.13 3.72 24.45
C ASN B 54 -11.14 2.53 24.32
N ILE B 55 -11.48 1.37 24.89
CA ILE B 55 -10.69 0.14 24.81
C ILE B 55 -10.37 -0.20 23.34
N LYS B 56 -11.39 -0.11 22.49
CA LYS B 56 -11.29 -0.53 21.07
C LYS B 56 -10.55 0.44 20.17
N LYS B 57 -10.33 1.68 20.65
CA LYS B 57 -9.50 2.76 20.05
C LYS B 57 -7.94 2.78 20.24
N ASN B 58 -7.47 1.98 21.19
CA ASN B 58 -6.08 1.71 21.51
C ASN B 58 -5.58 0.48 20.75
N ARG B 59 -4.52 0.61 19.94
CA ARG B 59 -3.95 -0.55 19.24
C ARG B 59 -3.25 -1.59 20.19
N TYR B 60 -2.63 -1.12 21.27
CA TYR B 60 -1.98 -1.97 22.25
C TYR B 60 -2.53 -1.54 23.61
N LYS B 61 -3.03 -2.55 24.35
N LYS B 61 -3.03 -2.54 24.35
N LYS B 61 -3.03 -2.55 24.35
CA LYS B 61 -3.64 -2.37 25.67
CA LYS B 61 -3.62 -2.33 25.68
CA LYS B 61 -3.64 -2.39 25.68
C LYS B 61 -2.69 -1.87 26.77
C LYS B 61 -2.65 -1.66 26.65
C LYS B 61 -2.70 -1.82 26.75
N ASP B 62 -1.38 -2.07 26.57
CA ASP B 62 -0.34 -1.60 27.49
C ASP B 62 0.17 -0.18 27.18
N ILE B 63 -0.29 0.42 26.07
CA ILE B 63 0.10 1.77 25.59
C ILE B 63 -1.03 2.80 25.62
N LEU B 64 -1.03 3.62 26.66
CA LEU B 64 -2.16 4.52 26.94
C LEU B 64 -1.66 5.93 27.20
N PRO B 65 -2.16 6.92 26.43
CA PRO B 65 -1.79 8.29 26.69
C PRO B 65 -2.12 8.79 28.11
N TYR B 66 -1.13 9.41 28.74
CA TYR B 66 -1.43 10.21 29.92
C TYR B 66 -2.59 11.18 29.68
N ASP B 67 -3.46 11.30 30.69
CA ASP B 67 -4.60 12.22 30.64
C ASP B 67 -4.24 13.70 30.44
N TYR B 68 -3.27 14.23 31.16
CA TYR B 68 -2.95 15.65 31.24
C TYR B 68 -2.40 16.13 29.89
N SER B 69 -1.78 15.24 29.11
CA SER B 69 -1.08 15.56 27.85
C SER B 69 -1.81 15.09 26.59
N ARG B 70 -2.93 14.41 26.81
CA ARG B 70 -3.62 13.78 25.73
C ARG B 70 -4.21 14.78 24.71
N VAL B 71 -4.26 14.35 23.45
CA VAL B 71 -4.95 15.10 22.40
C VAL B 71 -6.50 14.96 22.46
N GLU B 72 -7.12 16.05 22.89
CA GLU B 72 -8.58 16.19 22.82
C GLU B 72 -9.19 16.61 21.48
N LEU B 73 -10.23 15.86 21.08
CA LEU B 73 -11.03 16.09 19.87
C LEU B 73 -12.35 16.87 20.10
N SER B 74 -12.61 17.93 19.32
CA SER B 74 -13.86 18.72 19.39
C SER B 74 -14.58 18.74 18.03
N LEU B 75 -13.86 18.53 16.94
CA LEU B 75 -14.50 18.58 15.61
C LEU B 75 -15.55 17.46 15.33
N ILE B 76 -16.65 17.81 14.64
CA ILE B 76 -17.88 17.06 14.27
C ILE B 76 -18.85 17.08 15.43
N ASP B 81 -17.43 11.28 24.91
CA ASP B 81 -16.70 10.05 24.64
C ASP B 81 -15.93 9.93 23.30
N SER B 82 -16.49 10.43 22.19
CA SER B 82 -15.71 10.70 20.96
C SER B 82 -14.71 11.89 21.04
N SER B 83 -14.33 12.28 22.26
CA SER B 83 -13.22 13.21 22.51
C SER B 83 -11.81 12.57 22.35
N TYR B 84 -11.74 11.23 22.36
CA TYR B 84 -10.53 10.45 22.61
C TYR B 84 -9.80 9.93 21.38
N ILE B 85 -8.49 10.21 21.34
CA ILE B 85 -7.55 9.57 20.40
C ILE B 85 -6.30 9.17 21.20
N ASN B 86 -5.74 8.04 20.82
CA ASN B 86 -4.44 7.62 21.35
C ASN B 86 -3.31 8.49 20.77
N ALA B 87 -3.15 9.64 21.44
CA ALA B 87 -2.17 10.64 21.07
C ALA B 87 -1.81 11.53 22.28
N ASN B 88 -0.59 12.09 22.24
CA ASN B 88 -0.17 13.06 23.23
C ASN B 88 0.63 14.17 22.54
N PHE B 89 0.39 15.38 23.02
CA PHE B 89 1.19 16.54 22.73
C PHE B 89 2.53 16.32 23.38
N ILE B 90 3.52 16.62 22.57
CA ILE B 90 4.88 16.74 23.08
C ILE B 90 5.29 18.20 22.97
N LYS B 91 5.79 18.71 24.12
CA LYS B 91 6.37 20.07 24.21
C LYS B 91 7.60 20.15 23.27
N GLY B 92 7.71 21.28 22.57
CA GLY B 92 8.79 21.71 21.67
C GLY B 92 9.78 22.56 22.45
N VAL B 93 10.83 23.05 21.79
CA VAL B 93 11.81 23.85 22.54
C VAL B 93 11.20 25.15 23.13
N TYR B 94 10.35 25.85 22.36
CA TYR B 94 9.68 27.08 22.77
C TYR B 94 8.33 27.12 23.50
N GLY B 95 7.61 26.00 23.50
CA GLY B 95 6.28 25.96 24.12
C GLY B 95 5.59 24.61 23.96
N PRO B 96 4.39 24.47 24.54
CA PRO B 96 3.68 23.19 24.35
C PRO B 96 3.32 22.90 22.88
N LYS B 97 3.04 21.63 22.58
CA LYS B 97 2.28 21.26 21.39
C LYS B 97 3.04 21.32 20.08
N ALA B 98 4.36 21.14 20.16
CA ALA B 98 5.16 21.23 18.96
C ALA B 98 4.90 19.98 18.12
N TYR B 99 4.69 18.87 18.83
CA TYR B 99 4.47 17.52 18.29
C TYR B 99 3.22 16.86 18.86
N ILE B 100 2.51 16.17 17.97
CA ILE B 100 1.50 15.15 18.31
C ILE B 100 2.17 13.77 18.07
N ALA B 101 2.37 13.02 19.16
CA ALA B 101 2.78 11.62 19.09
C ALA B 101 1.57 10.72 19.17
N THR B 102 1.39 9.89 18.14
CA THR B 102 0.18 9.08 18.05
C THR B 102 0.47 7.68 17.44
N GLN B 103 -0.37 6.73 17.78
CA GLN B 103 -0.33 5.39 17.18
C GLN B 103 -0.77 5.39 15.70
N GLY B 104 -0.50 4.26 15.04
CA GLY B 104 -1.02 3.94 13.74
C GLY B 104 -2.52 3.73 13.85
N PRO B 105 -3.27 4.53 13.07
CA PRO B 105 -4.72 4.35 13.13
C PRO B 105 -5.22 2.93 12.90
N LEU B 106 -6.28 2.59 13.63
CA LEU B 106 -7.06 1.37 13.46
C LEU B 106 -8.20 1.70 12.47
N SER B 107 -8.94 0.72 11.92
CA SER B 107 -10.03 1.13 11.00
C SER B 107 -11.17 1.84 11.71
N THR B 108 -11.23 1.55 13.01
CA THR B 108 -12.07 2.18 14.00
C THR B 108 -11.64 3.66 14.19
N THR B 109 -10.42 4.03 13.81
CA THR B 109 -9.90 5.35 14.19
C THR B 109 -9.41 6.20 13.01
N LEU B 110 -9.61 5.69 11.79
CA LEU B 110 -9.30 6.55 10.66
C LEU B 110 -9.95 7.93 10.67
N LEU B 111 -11.25 7.95 10.97
CA LEU B 111 -12.02 9.17 11.03
C LEU B 111 -11.44 10.11 12.07
N ASP B 112 -11.27 9.57 13.28
CA ASP B 112 -10.63 10.27 14.41
C ASP B 112 -9.27 10.84 14.04
N PHE B 113 -8.35 10.07 13.46
CA PHE B 113 -7.05 10.60 13.01
C PHE B 113 -7.23 11.92 12.24
N TRP B 114 -8.01 11.85 11.16
CA TRP B 114 -8.36 13.00 10.32
C TRP B 114 -8.98 14.25 10.95
N ARG B 115 -9.96 14.02 11.84
CA ARG B 115 -10.52 14.99 12.75
C ARG B 115 -9.44 15.78 13.51
N MET B 116 -8.52 15.01 14.08
CA MET B 116 -7.33 15.47 14.84
C MET B 116 -6.41 16.29 13.93
N ILE B 117 -6.06 15.75 12.77
CA ILE B 117 -5.27 16.45 11.81
C ILE B 117 -5.94 17.80 11.50
N TRP B 118 -7.22 17.79 11.08
CA TRP B 118 -7.89 18.96 10.55
C TRP B 118 -7.98 20.04 11.64
N GLU B 119 -8.42 19.56 12.79
CA GLU B 119 -8.71 20.36 13.92
C GLU B 119 -7.58 21.19 14.50
N TYR B 120 -6.39 20.60 14.58
CA TYR B 120 -5.15 21.21 15.04
C TYR B 120 -4.38 21.88 13.89
N SER B 121 -4.92 21.83 12.66
CA SER B 121 -4.30 22.51 11.52
C SER B 121 -2.89 21.95 11.20
N VAL B 122 -2.67 20.66 11.46
CA VAL B 122 -1.42 19.97 11.14
C VAL B 122 -1.16 20.10 9.65
N LEU B 123 0.07 20.45 9.27
CA LEU B 123 0.51 20.35 7.89
C LEU B 123 1.27 19.07 7.50
N ILE B 124 2.01 18.53 8.46
CA ILE B 124 3.06 17.51 8.23
C ILE B 124 2.79 16.31 9.14
N ILE B 125 2.82 15.10 8.56
CA ILE B 125 2.60 13.81 9.21
C ILE B 125 3.88 13.06 8.84
N VAL B 126 4.56 12.56 9.87
CA VAL B 126 5.67 11.64 9.75
C VAL B 126 5.22 10.25 10.22
N MET B 127 5.18 9.36 9.25
CA MET B 127 4.92 7.94 9.34
C MET B 127 6.29 7.28 9.32
N ALA B 128 6.69 6.73 10.46
CA ALA B 128 7.87 5.88 10.80
C ALA B 128 7.35 4.46 11.13
N CYS B 129 6.94 3.78 10.07
CA CYS B 129 6.06 2.62 10.15
C CYS B 129 5.84 2.06 8.76
N MET B 130 5.67 0.73 8.69
CA MET B 130 5.08 -0.01 7.54
C MET B 130 3.65 -0.56 7.83
N GLU B 131 2.82 -0.72 6.80
CA GLU B 131 1.47 -1.30 6.94
C GLU B 131 1.56 -2.67 7.61
N TYR B 132 2.53 -3.46 7.16
CA TYR B 132 2.75 -4.81 7.67
C TYR B 132 4.15 -4.97 8.24
N GLU B 133 4.31 -5.59 9.39
CA GLU B 133 5.67 -5.76 9.91
C GLU B 133 5.80 -7.12 10.55
N MET B 134 6.75 -7.92 10.08
CA MET B 134 6.71 -9.36 10.36
C MET B 134 5.31 -9.91 10.05
N GLY B 135 4.79 -9.45 8.91
CA GLY B 135 3.43 -9.65 8.39
C GLY B 135 2.22 -9.60 9.34
N LYS B 136 2.27 -8.68 10.30
CA LYS B 136 1.12 -8.33 11.12
C LYS B 136 0.78 -6.89 10.76
N LYS B 137 -0.50 -6.56 10.65
CA LYS B 137 -0.91 -5.23 10.25
C LYS B 137 -0.46 -4.28 11.37
N LYS B 138 0.30 -3.24 11.04
CA LYS B 138 0.82 -2.28 12.02
C LYS B 138 0.19 -0.86 11.97
N CYS B 139 -0.44 -0.55 10.85
CA CYS B 139 -1.04 0.73 10.70
C CYS B 139 -2.14 0.52 9.64
N GLU B 140 -3.35 1.05 9.79
CA GLU B 140 -4.33 1.08 8.68
C GLU B 140 -4.10 2.19 7.63
N ARG B 141 -4.46 1.95 6.35
CA ARG B 141 -4.46 3.04 5.32
C ARG B 141 -5.40 4.25 5.48
N TYR B 142 -4.75 5.40 5.63
CA TYR B 142 -5.43 6.67 5.95
C TYR B 142 -5.08 7.77 4.92
N TRP B 143 -4.09 7.49 4.09
CA TRP B 143 -3.62 8.38 3.06
C TRP B 143 -4.12 7.81 1.73
N ALA B 144 -3.96 8.57 0.65
CA ALA B 144 -4.21 8.15 -0.71
C ALA B 144 -2.88 8.00 -1.42
N GLU B 145 -2.95 7.30 -2.56
CA GLU B 145 -1.86 7.24 -3.51
C GLU B 145 -2.25 7.78 -4.87
N PRO B 146 -1.26 8.10 -5.74
CA PRO B 146 -1.60 8.65 -7.05
C PRO B 146 -2.27 7.61 -7.92
N GLY B 147 -3.34 8.11 -8.54
CA GLY B 147 -4.22 7.31 -9.36
C GLY B 147 -5.53 6.93 -8.71
N GLU B 148 -5.69 7.09 -7.40
CA GLU B 148 -6.78 6.50 -6.63
C GLU B 148 -7.94 7.42 -6.35
N MET B 149 -7.74 8.71 -6.65
CA MET B 149 -8.72 9.83 -6.41
C MET B 149 -9.03 10.08 -4.91
N GLN B 150 -10.23 10.54 -4.54
CA GLN B 150 -10.64 10.59 -3.15
C GLN B 150 -10.53 9.22 -2.49
N LEU B 151 -10.15 9.18 -1.22
CA LEU B 151 -10.57 8.09 -0.33
C LEU B 151 -11.39 8.84 0.71
N GLU B 152 -12.41 8.18 1.25
CA GLU B 152 -13.34 8.85 2.17
C GLU B 152 -13.31 8.30 3.58
N PHE B 153 -13.18 9.24 4.51
CA PHE B 153 -13.19 8.96 5.95
C PHE B 153 -14.20 9.91 6.58
N GLY B 154 -15.44 9.50 6.75
CA GLY B 154 -16.52 10.44 7.06
C GLY B 154 -16.61 11.64 6.13
N PRO B 155 -16.68 12.86 6.69
CA PRO B 155 -16.82 14.03 5.84
C PRO B 155 -15.47 14.51 5.30
N PHE B 156 -14.43 13.72 5.48
CA PHE B 156 -13.06 13.99 5.00
C PHE B 156 -12.77 13.30 3.66
N SER B 157 -12.27 14.09 2.73
CA SER B 157 -11.82 13.51 1.48
C SER B 157 -10.34 13.80 1.21
N VAL B 158 -9.62 12.72 0.96
CA VAL B 158 -8.18 12.67 0.94
C VAL B 158 -7.69 12.11 -0.41
N SER B 159 -7.05 12.89 -1.27
CA SER B 159 -6.39 12.38 -2.48
C SER B 159 -4.89 12.73 -2.47
N CYS B 160 -4.10 12.13 -3.36
CA CYS B 160 -2.68 12.39 -3.48
C CYS B 160 -2.36 13.06 -4.83
N GLU B 161 -1.99 14.33 -4.76
CA GLU B 161 -1.28 15.00 -5.85
C GLU B 161 0.01 14.37 -6.34
N ALA B 162 1.06 14.26 -5.53
CA ALA B 162 2.35 13.75 -6.02
C ALA B 162 2.91 12.87 -4.93
N GLU B 163 3.80 11.97 -5.32
CA GLU B 163 4.67 11.27 -4.39
C GLU B 163 6.04 11.57 -4.91
N LYS B 164 6.94 12.13 -4.09
CA LYS B 164 8.38 12.15 -4.38
C LYS B 164 8.95 10.94 -3.65
N ARG B 165 9.52 10.00 -4.40
CA ARG B 165 10.14 8.83 -3.86
C ARG B 165 11.63 9.06 -3.69
N LYS B 166 12.03 9.34 -2.47
CA LYS B 166 13.46 9.44 -2.20
C LYS B 166 14.00 8.05 -1.90
N SER B 167 15.31 8.02 -1.64
CA SER B 167 16.08 6.78 -1.44
C SER B 167 15.62 5.99 -0.20
N ASP B 168 15.25 6.70 0.87
CA ASP B 168 14.75 6.09 2.14
C ASP B 168 13.37 6.41 2.71
N TYR B 169 12.63 7.33 2.09
CA TYR B 169 11.30 7.75 2.58
C TYR B 169 10.57 8.28 1.36
N ILE B 170 9.25 8.43 1.48
CA ILE B 170 8.39 8.98 0.43
C ILE B 170 7.75 10.25 0.98
N ILE B 171 7.57 11.27 0.14
CA ILE B 171 6.88 12.52 0.48
C ILE B 171 5.62 12.52 -0.39
N ARG B 172 4.47 12.40 0.27
CA ARG B 172 3.17 12.43 -0.37
C ARG B 172 2.66 13.84 -0.14
N THR B 173 2.31 14.51 -1.22
CA THR B 173 1.48 15.71 -1.11
C THR B 173 0.00 15.37 -1.20
N LEU B 174 -0.73 15.58 -0.11
CA LEU B 174 -2.09 15.11 0.06
C LEU B 174 -3.00 16.34 0.04
N LYS B 175 -4.16 16.25 -0.63
CA LYS B 175 -5.21 17.27 -0.61
C LYS B 175 -6.31 16.74 0.29
N VAL B 176 -6.79 17.54 1.22
CA VAL B 176 -7.79 17.11 2.15
C VAL B 176 -9.03 18.02 2.20
N LYS B 177 -10.18 17.51 1.74
CA LYS B 177 -11.41 18.27 1.63
C LYS B 177 -12.31 17.98 2.81
N PHE B 178 -12.72 19.04 3.50
CA PHE B 178 -13.74 19.03 4.55
C PHE B 178 -14.62 20.28 4.43
N ASN B 179 -15.93 20.08 4.33
CA ASN B 179 -16.91 21.19 4.24
C ASN B 179 -16.53 22.28 3.25
N SER B 180 -16.14 21.94 2.02
CA SER B 180 -15.80 22.96 1.02
C SER B 180 -14.38 23.53 1.08
N GLU B 181 -13.76 23.53 2.29
CA GLU B 181 -12.35 23.86 2.53
C GLU B 181 -11.34 22.78 2.10
N THR B 182 -10.31 23.13 1.34
CA THR B 182 -9.26 22.19 0.98
C THR B 182 -7.92 22.54 1.67
N ARG B 183 -7.25 21.55 2.26
CA ARG B 183 -5.93 21.78 2.82
C ARG B 183 -4.93 20.84 2.14
N THR B 184 -3.69 21.30 1.99
CA THR B 184 -2.53 20.48 1.67
C THR B 184 -1.94 19.93 2.98
N ILE B 185 -1.64 18.63 2.96
CA ILE B 185 -0.87 17.89 3.98
C ILE B 185 0.35 17.24 3.35
N TYR B 186 1.52 17.36 3.97
CA TYR B 186 2.69 16.65 3.53
C TYR B 186 2.96 15.42 4.45
N GLN B 187 2.97 14.23 3.86
CA GLN B 187 3.08 12.98 4.60
C GLN B 187 4.43 12.41 4.22
N PHE B 188 5.28 12.19 5.23
CA PHE B 188 6.59 11.62 5.05
C PHE B 188 6.48 10.21 5.61
N HIS B 189 6.42 9.23 4.70
CA HIS B 189 6.46 7.79 4.96
C HIS B 189 7.81 7.08 4.80
N TYR B 190 8.42 6.79 5.95
CA TYR B 190 9.71 6.11 6.11
C TYR B 190 9.50 4.60 6.39
N LYS B 191 9.82 3.80 5.40
CA LYS B 191 9.82 2.36 5.44
C LYS B 191 11.33 1.99 5.60
N ASN B 192 11.81 0.77 5.54
CA ASN B 192 11.44 -0.38 6.26
C ASN B 192 12.39 -0.21 7.45
N TRP B 193 11.80 0.26 8.55
CA TRP B 193 12.46 0.52 9.85
C TRP B 193 11.32 0.03 10.74
N PRO B 194 11.45 -1.25 11.12
CA PRO B 194 10.46 -1.94 11.94
C PRO B 194 10.56 -1.59 13.41
N ALA B 195 9.55 -2.06 14.16
CA ALA B 195 9.36 -1.75 15.57
C ALA B 195 10.47 -2.42 16.38
N HIS B 196 10.81 -1.78 17.50
CA HIS B 196 11.91 -2.18 18.40
C HIS B 196 13.33 -2.03 17.79
N ASP B 197 13.39 -2.10 16.45
N ASP B 197 13.35 -1.89 16.47
CA ASP B 197 14.64 -2.17 15.68
CA ASP B 197 14.59 -2.07 15.72
C ASP B 197 15.18 -0.78 15.32
C ASP B 197 15.06 -0.76 15.05
N VAL B 198 16.30 -0.73 14.58
CA VAL B 198 16.93 0.55 14.13
C VAL B 198 17.59 0.46 12.75
N PRO B 199 17.75 1.63 12.09
CA PRO B 199 18.40 1.67 10.78
C PRO B 199 19.88 2.00 11.01
N SER B 200 20.66 2.20 9.95
CA SER B 200 21.21 1.20 9.07
C SER B 200 22.64 1.76 9.28
N SER B 201 22.84 2.97 9.84
CA SER B 201 22.57 4.36 9.39
C SER B 201 21.69 5.50 9.93
N ILE B 202 22.35 6.49 10.55
CA ILE B 202 21.70 7.71 11.04
C ILE B 202 21.36 8.73 9.94
N ASP B 203 21.96 8.67 8.75
CA ASP B 203 21.92 9.74 7.74
C ASP B 203 20.54 10.03 7.11
N PRO B 204 19.80 9.00 6.67
CA PRO B 204 18.41 9.03 6.18
C PRO B 204 17.41 9.69 7.14
N ILE B 205 17.50 9.36 8.42
CA ILE B 205 16.76 10.02 9.47
C ILE B 205 17.07 11.51 9.56
N LEU B 206 18.33 11.88 9.67
CA LEU B 206 18.74 13.30 9.59
C LEU B 206 18.27 13.91 8.28
N GLU B 207 18.36 13.20 7.16
CA GLU B 207 17.82 13.75 5.89
C GLU B 207 16.32 13.96 5.92
N LEU B 208 15.56 13.00 6.41
CA LEU B 208 14.10 13.18 6.67
C LEU B 208 13.74 14.41 7.49
N ILE B 209 14.31 14.49 8.68
CA ILE B 209 14.06 15.63 9.57
C ILE B 209 14.47 16.94 8.88
N TRP B 210 15.59 16.89 8.14
CA TRP B 210 15.96 18.02 7.31
C TRP B 210 14.83 18.46 6.34
N ASP B 211 14.32 17.52 5.56
CA ASP B 211 13.22 17.81 4.62
C ASP B 211 11.96 18.31 5.30
N VAL B 212 11.69 17.67 6.43
CA VAL B 212 10.54 18.06 7.23
C VAL B 212 10.70 19.53 7.60
N ARG B 213 11.90 19.93 8.01
CA ARG B 213 12.03 21.28 8.49
C ARG B 213 12.09 22.28 7.33
N CYS B 214 12.25 21.86 6.07
CA CYS B 214 12.08 22.80 4.96
C CYS B 214 10.61 23.16 4.65
N TYR B 215 9.73 22.18 4.83
CA TYR B 215 8.27 22.35 4.82
C TYR B 215 7.69 23.19 5.93
N GLN B 216 8.15 22.96 7.15
CA GLN B 216 7.77 23.77 8.30
C GLN B 216 8.89 24.00 9.31
N GLU B 217 9.35 25.25 9.32
CA GLU B 217 10.59 25.66 9.95
C GLU B 217 10.32 25.88 11.42
N ASP B 218 9.10 26.27 11.74
CA ASP B 218 8.75 26.78 13.05
C ASP B 218 7.71 25.94 13.78
N ASP B 219 7.12 26.50 14.82
CA ASP B 219 6.26 25.85 15.80
C ASP B 219 4.78 26.22 15.80
N SER B 220 4.27 26.86 14.76
CA SER B 220 2.95 27.49 14.80
C SER B 220 1.79 26.49 14.84
N VAL B 221 1.95 25.39 14.11
CA VAL B 221 1.04 24.23 14.20
C VAL B 221 1.80 22.96 14.60
N PRO B 222 1.08 22.04 15.29
CA PRO B 222 1.75 20.75 15.62
C PRO B 222 2.25 19.92 14.42
N ILE B 223 3.44 19.37 14.53
CA ILE B 223 3.84 18.28 13.60
C ILE B 223 3.36 16.92 14.22
N CYS B 224 2.66 16.13 13.41
CA CYS B 224 2.29 14.77 13.71
C CYS B 224 3.36 13.74 13.30
N ILE B 225 3.80 13.04 14.34
CA ILE B 225 4.62 11.87 14.31
C ILE B 225 3.89 10.61 14.83
N HIS B 226 3.88 9.57 14.02
CA HIS B 226 3.37 8.28 14.43
C HIS B 226 4.27 7.13 13.95
N SER B 227 4.07 5.99 14.60
CA SER B 227 4.68 4.73 14.20
C SER B 227 3.52 3.69 14.32
N SER B 228 3.71 2.54 14.97
CA SER B 228 2.58 1.62 15.22
C SER B 228 1.96 1.92 16.57
N ALA B 229 2.77 1.94 17.61
CA ALA B 229 2.31 2.33 18.94
C ALA B 229 2.39 3.88 19.14
N GLY B 230 3.20 4.59 18.36
CA GLY B 230 3.43 6.00 18.60
C GLY B 230 4.36 6.21 19.79
N CYS B 231 5.32 5.32 20.00
CA CYS B 231 6.25 5.43 21.12
CA CYS B 231 6.30 5.61 21.05
C CYS B 231 7.77 5.38 20.77
N GLY B 232 8.16 4.26 20.18
CA GLY B 232 9.55 3.92 19.96
C GLY B 232 10.19 4.73 18.84
N ARG B 233 9.77 4.49 17.59
CA ARG B 233 10.37 5.19 16.43
C ARG B 233 9.96 6.67 16.47
N THR B 234 8.72 6.89 16.91
CA THR B 234 8.15 8.21 17.20
C THR B 234 9.00 9.07 18.12
N GLY B 235 9.47 8.50 19.24
CA GLY B 235 10.28 9.14 20.29
C GLY B 235 11.65 9.45 19.72
N VAL B 236 12.12 8.54 18.89
CA VAL B 236 13.36 8.81 18.13
C VAL B 236 13.39 10.11 17.33
N ILE B 237 12.49 10.23 16.34
CA ILE B 237 12.30 11.42 15.56
C ILE B 237 12.07 12.66 16.47
N CYS B 238 11.19 12.52 17.46
CA CYS B 238 10.85 13.65 18.32
CA CYS B 238 10.87 13.65 18.31
C CYS B 238 12.11 14.19 19.03
N ALA B 239 12.81 13.30 19.73
CA ALA B 239 14.12 13.57 20.37
C ALA B 239 15.18 14.20 19.48
N ILE B 240 15.36 13.63 18.30
CA ILE B 240 16.34 14.17 17.38
C ILE B 240 16.04 15.58 16.88
N ASP B 241 14.79 15.76 16.47
CA ASP B 241 14.26 17.06 15.99
C ASP B 241 14.35 18.17 17.01
N TYR B 242 13.83 17.92 18.20
CA TYR B 242 13.94 18.86 19.32
C TYR B 242 15.37 19.33 19.57
N THR B 243 16.30 18.37 19.63
CA THR B 243 17.74 18.64 19.94
C THR B 243 18.29 19.50 18.79
N TRP B 244 17.93 19.19 17.54
CA TRP B 244 18.24 19.99 16.36
C TRP B 244 17.65 21.40 16.42
N MET B 245 16.43 21.58 16.86
CA MET B 245 15.96 22.94 17.06
C MET B 245 16.82 23.73 18.06
N LEU B 246 17.33 23.09 19.11
CA LEU B 246 18.21 23.81 20.02
C LEU B 246 19.58 24.20 19.43
N LEU B 247 20.22 23.28 18.71
CA LEU B 247 21.44 23.51 17.98
C LEU B 247 21.35 24.71 17.01
N LYS B 248 20.37 24.66 16.11
CA LYS B 248 20.14 25.64 15.12
C LYS B 248 19.80 26.99 15.69
N ASP B 249 19.01 27.03 16.77
CA ASP B 249 18.64 28.31 17.35
C ASP B 249 19.72 28.79 18.35
N GLY B 250 20.87 28.12 18.41
CA GLY B 250 21.88 28.38 19.42
C GLY B 250 21.43 28.43 20.88
N ILE B 251 20.54 27.53 21.35
CA ILE B 251 20.07 27.52 22.73
C ILE B 251 20.29 26.21 23.47
N ILE B 252 21.29 25.44 23.03
CA ILE B 252 21.69 24.18 23.72
C ILE B 252 22.08 24.48 25.18
N PRO B 253 21.36 23.93 26.17
CA PRO B 253 21.78 24.28 27.52
C PRO B 253 23.15 23.73 27.94
N GLU B 254 23.82 24.48 28.81
CA GLU B 254 24.99 24.00 29.53
C GLU B 254 24.76 22.57 30.10
N ASN B 255 23.55 22.30 30.56
CA ASN B 255 23.29 20.98 31.17
C ASN B 255 23.11 19.75 30.20
N PHE B 256 22.82 20.06 28.93
CA PHE B 256 22.45 19.11 27.88
C PHE B 256 22.98 17.68 27.97
N SER B 257 22.01 16.77 27.97
CA SER B 257 22.25 15.34 27.95
C SER B 257 21.09 14.72 27.17
N VAL B 258 21.36 13.73 26.34
CA VAL B 258 20.30 12.85 25.78
C VAL B 258 19.43 12.14 26.86
N PHE B 259 20.03 11.82 27.99
CA PHE B 259 19.38 11.16 29.08
C PHE B 259 18.20 12.00 29.56
N SER B 260 18.50 13.25 29.99
CA SER B 260 17.53 14.29 30.36
C SER B 260 16.41 14.60 29.34
N LEU B 261 16.79 14.81 28.07
CA LEU B 261 15.76 14.93 27.02
C LEU B 261 14.67 13.84 26.99
N ILE B 262 15.09 12.59 26.94
CA ILE B 262 14.21 11.42 26.81
C ILE B 262 13.41 11.23 28.08
N ARG B 263 14.03 11.45 29.24
CA ARG B 263 13.35 11.49 30.54
C ARG B 263 12.17 12.46 30.53
N GLU B 264 12.43 13.69 30.11
CA GLU B 264 11.42 14.74 29.92
C GLU B 264 10.39 14.22 28.95
N MET B 265 10.76 13.97 27.69
CA MET B 265 9.76 13.38 26.80
C MET B 265 8.90 12.23 27.33
N ARG B 266 9.47 11.29 28.08
CA ARG B 266 8.70 10.19 28.65
C ARG B 266 7.72 10.50 29.78
N THR B 267 7.79 11.72 30.29
CA THR B 267 6.79 12.28 31.21
C THR B 267 5.60 12.73 30.42
N GLN B 268 5.70 12.76 29.09
CA GLN B 268 4.68 13.37 28.30
C GLN B 268 3.98 12.35 27.44
N ARG B 269 4.73 11.32 27.08
CA ARG B 269 4.08 10.27 26.29
C ARG B 269 4.77 8.98 26.74
N PRO B 270 3.97 8.01 27.20
CA PRO B 270 4.58 6.82 27.73
C PRO B 270 5.38 6.05 26.68
N SER B 271 6.49 5.48 27.14
CA SER B 271 7.41 4.62 26.39
C SER B 271 8.10 5.25 25.16
N LEU B 272 8.20 6.56 25.15
CA LEU B 272 8.79 7.26 24.02
C LEU B 272 10.20 6.69 24.05
N VAL B 273 10.63 6.09 22.94
CA VAL B 273 12.01 5.50 22.83
C VAL B 273 11.95 4.19 23.57
N GLN B 274 11.58 3.16 22.84
CA GLN B 274 11.15 1.91 23.47
C GLN B 274 12.33 0.94 23.70
N THR B 275 13.49 1.16 23.08
CA THR B 275 14.59 0.19 23.10
C THR B 275 15.92 0.91 23.37
N GLN B 276 16.87 0.18 23.95
CA GLN B 276 18.16 0.78 24.27
C GLN B 276 18.94 0.99 22.96
N GLU B 277 18.53 0.29 21.93
CA GLU B 277 19.03 0.54 20.61
C GLU B 277 18.53 1.85 19.98
N GLN B 278 17.27 2.21 20.27
CA GLN B 278 16.61 3.42 19.84
C GLN B 278 17.23 4.57 20.59
N TYR B 279 17.50 4.29 21.86
CA TYR B 279 18.24 5.22 22.71
C TYR B 279 19.65 5.54 22.19
N GLU B 280 20.45 4.54 21.80
CA GLU B 280 21.76 4.76 21.18
C GLU B 280 21.82 5.49 19.84
N LEU B 281 20.86 5.13 18.98
CA LEU B 281 20.50 5.82 17.73
C LEU B 281 20.15 7.29 18.00
N VAL B 282 19.40 7.66 19.06
CA VAL B 282 19.21 9.11 19.38
C VAL B 282 20.59 9.73 19.73
N TYR B 283 21.30 9.07 20.64
CA TYR B 283 22.64 9.54 20.99
C TYR B 283 23.63 9.87 19.81
N ASN B 284 23.77 8.87 18.93
CA ASN B 284 24.62 8.90 17.75
C ASN B 284 24.19 9.91 16.73
N ALA B 285 22.89 10.02 16.52
CA ALA B 285 22.33 11.11 15.69
C ALA B 285 22.54 12.52 16.25
N VAL B 286 22.33 12.70 17.56
CA VAL B 286 22.49 13.98 18.27
C VAL B 286 23.97 14.38 18.20
N LEU B 287 24.83 13.41 18.44
CA LEU B 287 26.26 13.64 18.36
C LEU B 287 26.64 14.08 16.94
N GLU B 288 26.08 13.41 15.94
CA GLU B 288 26.23 13.90 14.60
C GLU B 288 25.68 15.34 14.41
N LEU B 289 24.51 15.62 14.97
CA LEU B 289 23.97 16.95 14.80
C LEU B 289 24.94 17.99 15.41
N PHE B 290 25.59 17.63 16.52
CA PHE B 290 26.62 18.45 17.20
C PHE B 290 27.84 18.73 16.28
N LYS B 291 28.32 17.68 15.58
CA LYS B 291 29.39 17.84 14.62
C LYS B 291 29.02 18.81 13.53
N ARG B 292 27.86 18.64 12.90
CA ARG B 292 27.41 19.57 11.87
C ARG B 292 27.22 21.01 12.38
N GLN B 293 26.64 21.15 13.56
CA GLN B 293 26.54 22.53 14.09
C GLN B 293 27.88 23.28 14.28
N MET B 294 28.90 22.63 14.86
CA MET B 294 30.30 23.10 14.94
C MET B 294 30.86 23.50 13.59
N ASP B 295 30.56 22.75 12.53
CA ASP B 295 31.01 23.08 11.18
C ASP B 295 30.36 24.40 10.79
N VAL B 296 29.09 24.64 11.14
CA VAL B 296 28.43 25.91 10.82
C VAL B 296 29.13 27.08 11.56
N ILE B 297 29.42 26.90 12.84
CA ILE B 297 30.12 27.90 13.64
C ILE B 297 31.56 28.14 13.10
N ARG B 298 32.28 27.06 12.77
CA ARG B 298 33.63 27.08 12.22
C ARG B 298 33.66 27.85 10.86
N ASP B 299 32.63 27.70 10.02
CA ASP B 299 32.57 28.45 8.76
C ASP B 299 32.01 29.89 8.77
N LYS B 300 31.25 30.33 9.78
CA LYS B 300 30.74 31.73 9.85
C LYS B 300 31.76 32.75 10.38
N ASP C 1 -26.82 -6.91 -5.25
CA ASP C 1 -26.52 -6.04 -4.13
C ASP C 1 -25.05 -5.77 -3.85
N ASN C 2 -24.52 -4.80 -4.58
CA ASN C 2 -23.18 -4.80 -5.12
C ASN C 2 -22.88 -5.25 -6.57
N GLU C 3 -22.95 -4.32 -7.55
N GLU C 3 -22.85 -4.33 -7.53
CA GLU C 3 -22.90 -4.70 -8.98
CA GLU C 3 -22.79 -4.73 -8.94
C GLU C 3 -21.66 -4.09 -9.66
C GLU C 3 -21.62 -4.10 -9.64
N TYR C 4 -21.60 -4.30 -11.01
CA TYR C 4 -20.37 -4.51 -11.75
C TYR C 4 -20.60 -4.19 -13.21
N THR C 5 -21.22 -5.11 -13.93
CA THR C 5 -21.97 -4.91 -15.17
C THR C 5 -21.10 -5.05 -16.41
N ALA C 6 -20.73 -3.90 -16.95
CA ALA C 6 -20.75 -2.68 -16.19
C ALA C 6 -20.27 -1.61 -17.13
N ARG C 7 -19.26 -0.85 -16.73
CA ARG C 7 -19.32 0.61 -16.82
C ARG C 7 -20.18 1.26 -15.75
N ASP D 1 -5.83 -4.14 19.92
CA ASP D 1 -5.68 -4.27 21.34
C ASP D 1 -5.00 -5.63 21.61
N ASN D 2 -3.90 -5.97 20.91
CA ASN D 2 -2.76 -6.72 21.51
C ASN D 2 -1.86 -5.84 22.40
N GLU D 3 -0.56 -6.18 22.52
N GLU D 3 -0.55 -6.13 22.47
CA GLU D 3 0.28 -5.70 23.63
CA GLU D 3 0.26 -5.72 23.61
C GLU D 3 1.63 -5.38 23.03
C GLU D 3 1.64 -5.39 23.04
N TYR D 4 2.22 -4.22 23.36
CA TYR D 4 3.62 -3.91 23.09
C TYR D 4 4.58 -4.36 24.18
#